data_1CMP
#
_entry.id   1CMP
#
_cell.length_a   105.200
_cell.length_b   74.300
_cell.length_c   45.400
_cell.angle_alpha   90.00
_cell.angle_beta   90.00
_cell.angle_gamma   90.00
#
_symmetry.space_group_name_H-M   'P 21 21 21'
#
loop_
_entity.id
_entity.type
_entity.pdbx_description
1 polymer 'CYTOCHROME C PEROXIDASE'
2 non-polymer '2,3-DIMETHYLIMIDAZOLIUM ION'
3 non-polymer 'PROTOPORPHYRIN IX CONTAINING FE'
4 water water
#
_entity_poly.entity_id   1
_entity_poly.type   'polypeptide(L)'
_entity_poly.pdbx_seq_one_letter_code
;MKTLVHVASVEKGRSYEDFQKVYNAIALKLREDDEYDNYIGYGPVLVRLAWHISGTWDKHDNTGGSYGGTYRFKKEFNDP
SNAGLQNGFKFLEPIHKEFPWISSGDLFSLGGVTAVQEMQGPKIPWRCGRVDTPEDTTPDNGRLPDADKDAGYVRTFFQR
LNMNDREVVALMGAHALGKTHLKNSGYEGPGGAANNVFTNEFYLNLLNEDWKLEKNDANNEQWDSKSGYMMLPTDYSLIQ
DPKYLSIVKEYANDQDKFFKDFSKAFEKLLENGITFPKDAPSPFIFKTLEEQGL
;
_entity_poly.pdbx_strand_id   A
#
loop_
_chem_comp.id
_chem_comp.type
_chem_comp.name
_chem_comp.formula
DMI non-polymer '2,3-DIMETHYLIMIDAZOLIUM ION' 'C5 H9 N2 1'
HEM non-polymer 'PROTOPORPHYRIN IX CONTAINING FE' 'C34 H32 Fe N4 O4'
#
# COMPACT_ATOMS: atom_id res chain seq x y z
N LEU A 4 7.41 22.06 8.64
CA LEU A 4 5.98 21.84 8.47
C LEU A 4 5.29 21.11 9.61
N VAL A 5 4.13 21.61 10.00
CA VAL A 5 3.26 20.87 10.91
C VAL A 5 2.00 20.64 10.08
N HIS A 6 1.37 19.47 10.06
CA HIS A 6 0.15 19.21 9.28
C HIS A 6 -0.87 18.75 10.29
N VAL A 7 -1.81 19.59 10.68
CA VAL A 7 -2.69 19.18 11.78
C VAL A 7 -3.93 18.51 11.23
N ALA A 8 -4.29 17.36 11.73
CA ALA A 8 -5.49 16.70 11.21
C ALA A 8 -6.76 17.53 11.48
N SER A 9 -7.56 17.77 10.45
CA SER A 9 -8.81 18.49 10.63
C SER A 9 -10.02 17.71 10.13
N VAL A 10 -10.88 17.16 10.99
CA VAL A 10 -12.07 16.42 10.52
C VAL A 10 -12.96 17.19 9.54
N GLU A 11 -13.37 16.52 8.46
CA GLU A 11 -14.29 17.11 7.50
C GLU A 11 -15.57 17.49 8.27
N LYS A 12 -15.87 18.76 8.07
CA LYS A 12 -16.88 19.38 8.88
C LYS A 12 -18.28 18.73 8.87
N GLY A 13 -18.60 18.28 10.06
CA GLY A 13 -19.89 17.71 10.35
C GLY A 13 -19.90 16.21 10.14
N ARG A 14 -18.78 15.59 9.82
CA ARG A 14 -18.80 14.15 9.52
C ARG A 14 -18.42 13.22 10.66
N SER A 15 -19.08 12.07 10.71
CA SER A 15 -18.82 11.13 11.76
C SER A 15 -18.54 9.76 11.17
N TYR A 16 -18.40 8.75 12.04
CA TYR A 16 -18.14 7.37 11.66
C TYR A 16 -19.04 6.83 10.55
N GLU A 17 -20.34 6.97 10.71
CA GLU A 17 -21.31 6.51 9.72
C GLU A 17 -21.14 7.14 8.34
N ASP A 18 -20.67 8.38 8.24
CA ASP A 18 -20.35 8.93 6.92
C ASP A 18 -19.21 8.21 6.22
N PHE A 19 -18.10 7.98 6.97
CA PHE A 19 -16.92 7.32 6.40
C PHE A 19 -17.23 5.85 6.07
N GLN A 20 -18.02 5.17 6.91
CA GLN A 20 -18.49 3.82 6.59
C GLN A 20 -19.27 3.71 5.29
N LYS A 21 -19.96 4.78 4.87
CA LYS A 21 -20.65 4.83 3.58
C LYS A 21 -19.64 4.98 2.44
N VAL A 22 -18.54 5.74 2.60
CA VAL A 22 -17.52 5.80 1.55
C VAL A 22 -16.85 4.42 1.40
N TYR A 23 -16.48 3.77 2.55
CA TYR A 23 -15.91 2.41 2.58
C TYR A 23 -16.84 1.45 1.86
N ASN A 24 -18.12 1.39 2.23
CA ASN A 24 -19.09 0.55 1.51
C ASN A 24 -19.14 0.87 0.01
N ALA A 25 -19.09 2.11 -0.45
CA ALA A 25 -19.09 2.40 -1.89
C ALA A 25 -17.86 1.85 -2.60
N ILE A 26 -16.66 1.98 -1.99
CA ILE A 26 -15.43 1.39 -2.56
C ILE A 26 -15.56 -0.15 -2.55
N ALA A 27 -16.01 -0.79 -1.49
CA ALA A 27 -16.10 -2.23 -1.42
C ALA A 27 -17.09 -2.86 -2.42
N LEU A 28 -18.25 -2.19 -2.62
CA LEU A 28 -19.27 -2.60 -3.58
C LEU A 28 -18.71 -2.54 -4.99
N LYS A 29 -17.94 -1.49 -5.25
CA LYS A 29 -17.33 -1.35 -6.57
C LYS A 29 -16.19 -2.36 -6.77
N LEU A 30 -15.46 -2.75 -5.69
CA LEU A 30 -14.46 -3.82 -5.84
C LEU A 30 -15.13 -5.14 -6.22
N ARG A 31 -16.21 -5.49 -5.57
CA ARG A 31 -17.02 -6.67 -5.93
C ARG A 31 -17.46 -6.69 -7.39
N GLU A 32 -17.94 -5.53 -7.82
CA GLU A 32 -18.48 -5.34 -9.15
C GLU A 32 -17.46 -5.39 -10.27
N ASP A 33 -16.37 -4.65 -10.24
CA ASP A 33 -15.39 -4.66 -11.34
C ASP A 33 -14.33 -5.74 -11.13
N ASP A 34 -14.80 -6.98 -10.93
CA ASP A 34 -13.94 -8.11 -10.66
C ASP A 34 -13.06 -8.58 -11.85
N GLU A 35 -13.22 -8.01 -13.03
CA GLU A 35 -12.50 -8.44 -14.24
C GLU A 35 -11.13 -7.79 -14.55
N TYR A 36 -10.86 -6.62 -13.97
CA TYR A 36 -9.61 -5.88 -14.13
C TYR A 36 -8.36 -6.75 -13.88
N ASP A 37 -7.39 -6.55 -14.77
CA ASP A 37 -6.12 -7.25 -14.74
C ASP A 37 -6.27 -8.77 -14.73
N ASN A 38 -6.94 -9.37 -15.72
CA ASN A 38 -7.19 -10.82 -15.72
C ASN A 38 -7.85 -11.39 -14.48
N TYR A 39 -8.90 -10.72 -14.00
CA TYR A 39 -9.62 -11.20 -12.83
C TYR A 39 -8.89 -11.18 -11.51
N ILE A 40 -7.83 -10.35 -11.44
CA ILE A 40 -7.26 -10.05 -10.12
C ILE A 40 -8.18 -9.05 -9.35
N GLY A 41 -8.80 -8.15 -10.11
CA GLY A 41 -9.64 -7.12 -9.51
C GLY A 41 -8.82 -5.88 -9.09
N TYR A 42 -9.43 -4.79 -8.58
CA TYR A 42 -8.66 -3.63 -8.20
C TYR A 42 -8.06 -3.56 -6.78
N GLY A 43 -8.26 -4.53 -5.89
CA GLY A 43 -7.72 -4.55 -4.53
C GLY A 43 -6.20 -4.30 -4.47
N PRO A 44 -5.36 -5.07 -5.17
CA PRO A 44 -3.92 -4.83 -5.20
C PRO A 44 -3.52 -3.46 -5.71
N VAL A 45 -4.02 -2.87 -6.82
CA VAL A 45 -3.55 -1.57 -7.24
C VAL A 45 -3.98 -0.45 -6.26
N LEU A 46 -5.07 -0.69 -5.50
CA LEU A 46 -5.52 0.25 -4.49
C LEU A 46 -4.64 0.19 -3.27
N VAL A 47 -4.14 -0.99 -2.81
CA VAL A 47 -3.17 -0.85 -1.70
C VAL A 47 -1.81 -0.30 -2.23
N ARG A 48 -1.38 -0.56 -3.46
CA ARG A 48 -0.19 0.07 -3.98
C ARG A 48 -0.37 1.60 -4.05
N LEU A 49 -1.55 2.14 -4.43
CA LEU A 49 -1.77 3.59 -4.46
C LEU A 49 -1.67 4.19 -3.06
N ALA A 50 -2.28 3.61 -2.03
CA ALA A 50 -2.19 4.12 -0.67
C ALA A 50 -0.75 4.11 -0.13
N TRP A 51 0.09 3.12 -0.49
CA TRP A 51 1.50 3.09 -0.12
C TRP A 51 2.26 4.13 -0.95
N HIS A 52 2.06 4.32 -2.24
CA HIS A 52 2.80 5.36 -2.97
C HIS A 52 2.50 6.85 -2.62
N ILE A 53 1.24 7.22 -2.28
CA ILE A 53 0.93 8.57 -1.83
C ILE A 53 1.47 8.80 -0.39
N SER A 54 1.70 7.73 0.39
CA SER A 54 2.27 7.81 1.73
C SER A 54 3.80 7.74 1.80
N GLY A 55 4.40 7.05 0.82
CA GLY A 55 5.81 6.74 0.81
C GLY A 55 6.72 7.88 0.39
N THR A 56 6.17 9.00 -0.01
CA THR A 56 6.94 10.18 -0.35
C THR A 56 7.33 10.93 0.92
N TRP A 57 6.91 10.52 2.13
CA TRP A 57 7.20 11.29 3.33
C TRP A 57 8.67 11.33 3.67
N ASP A 58 9.11 12.47 4.13
CA ASP A 58 10.46 12.61 4.64
C ASP A 58 10.43 13.14 6.07
N LYS A 59 10.88 12.31 7.00
CA LYS A 59 10.92 12.63 8.41
C LYS A 59 11.79 13.81 8.78
N HIS A 60 12.73 14.21 7.96
CA HIS A 60 13.60 15.32 8.34
C HIS A 60 12.93 16.72 8.26
N ASP A 61 12.08 16.99 7.26
CA ASP A 61 11.42 18.30 7.15
C ASP A 61 9.89 18.18 7.08
N ASN A 62 9.34 16.98 7.36
CA ASN A 62 7.89 16.71 7.29
C ASN A 62 7.20 16.98 5.95
N THR A 63 7.94 16.92 4.83
CA THR A 63 7.32 17.06 3.51
C THR A 63 6.84 15.70 2.99
N GLY A 64 5.92 15.70 2.02
CA GLY A 64 5.34 14.47 1.48
C GLY A 64 4.42 13.76 2.47
N GLY A 65 4.17 12.48 2.24
CA GLY A 65 3.24 11.72 3.05
C GLY A 65 1.79 11.85 2.56
N SER A 66 0.85 11.14 3.17
CA SER A 66 -0.55 11.12 2.72
C SER A 66 -1.43 12.36 2.91
N TYR A 67 -0.97 13.28 3.80
CA TYR A 67 -1.79 14.42 4.21
C TYR A 67 -2.42 15.33 3.13
N GLY A 68 -1.60 15.78 2.21
CA GLY A 68 -2.01 16.84 1.31
C GLY A 68 -2.73 16.39 0.08
N GLY A 69 -2.89 15.08 -0.11
CA GLY A 69 -3.55 14.58 -1.32
C GLY A 69 -2.92 15.04 -2.64
N THR A 70 -1.61 15.31 -2.64
CA THR A 70 -0.94 15.89 -3.80
C THR A 70 -0.72 15.04 -5.04
N TYR A 71 -1.01 13.73 -4.99
CA TYR A 71 -1.03 12.84 -6.17
C TYR A 71 -2.01 13.30 -7.26
N ARG A 72 -3.02 14.08 -6.82
CA ARG A 72 -4.00 14.72 -7.68
C ARG A 72 -3.32 15.72 -8.62
N PHE A 73 -2.15 16.23 -8.29
CA PHE A 73 -1.39 17.12 -9.15
C PHE A 73 -0.50 16.39 -10.17
N LYS A 74 -0.34 16.98 -11.36
CA LYS A 74 0.36 16.39 -12.51
C LYS A 74 1.75 15.88 -12.19
N LYS A 75 2.60 16.68 -11.52
CA LYS A 75 3.95 16.27 -11.15
C LYS A 75 4.07 14.91 -10.45
N GLU A 76 3.21 14.72 -9.45
CA GLU A 76 3.15 13.45 -8.72
C GLU A 76 2.45 12.37 -9.52
N PHE A 77 1.35 12.72 -10.20
CA PHE A 77 0.63 11.79 -11.04
C PHE A 77 1.49 11.14 -12.17
N ASN A 78 2.36 11.94 -12.77
CA ASN A 78 3.24 11.49 -13.84
C ASN A 78 4.64 11.00 -13.47
N ASP A 79 4.90 10.91 -12.15
CA ASP A 79 6.13 10.32 -11.64
C ASP A 79 6.34 8.94 -12.26
N PRO A 80 7.43 8.62 -12.98
CA PRO A 80 7.75 7.26 -13.46
C PRO A 80 7.46 6.15 -12.46
N SER A 81 7.77 6.30 -11.18
CA SER A 81 7.43 5.31 -10.15
C SER A 81 5.94 5.10 -9.88
N ASN A 82 5.10 5.97 -10.40
CA ASN A 82 3.66 5.81 -10.22
C ASN A 82 2.99 5.23 -11.45
N ALA A 83 3.74 4.79 -12.48
CA ALA A 83 3.11 4.22 -13.68
C ALA A 83 2.17 3.05 -13.38
N GLY A 84 0.93 3.05 -13.86
CA GLY A 84 -0.01 1.98 -13.53
C GLY A 84 -1.00 2.40 -12.46
N LEU A 85 -0.67 3.36 -11.58
CA LEU A 85 -1.58 3.81 -10.54
C LEU A 85 -2.79 4.64 -11.04
N GLN A 86 -2.74 5.13 -12.30
CA GLN A 86 -3.82 5.89 -12.95
C GLN A 86 -5.13 5.13 -12.99
N ASN A 87 -4.99 3.80 -13.06
CA ASN A 87 -6.06 2.84 -12.95
C ASN A 87 -6.74 2.91 -11.58
N GLY A 88 -5.95 2.98 -10.49
CA GLY A 88 -6.52 3.09 -9.15
C GLY A 88 -7.27 4.41 -8.95
N PHE A 89 -6.67 5.47 -9.50
CA PHE A 89 -7.22 6.81 -9.51
C PHE A 89 -8.57 6.85 -10.25
N LYS A 90 -8.61 6.27 -11.45
CA LYS A 90 -9.83 6.23 -12.22
C LYS A 90 -10.92 5.43 -11.52
N PHE A 91 -10.63 4.38 -10.75
CA PHE A 91 -11.63 3.64 -10.01
C PHE A 91 -12.31 4.46 -8.91
N LEU A 92 -11.45 5.22 -8.20
CA LEU A 92 -11.94 6.01 -7.08
C LEU A 92 -12.64 7.30 -7.49
N GLU A 93 -12.37 7.79 -8.69
CA GLU A 93 -12.98 9.00 -9.18
C GLU A 93 -14.53 9.09 -9.14
N PRO A 94 -15.37 8.13 -9.60
CA PRO A 94 -16.81 8.13 -9.39
C PRO A 94 -17.21 8.18 -7.93
N ILE A 95 -16.39 7.58 -7.06
CA ILE A 95 -16.68 7.61 -5.64
C ILE A 95 -16.44 8.99 -5.08
N HIS A 96 -15.42 9.72 -5.52
CA HIS A 96 -15.23 11.08 -5.04
C HIS A 96 -16.38 11.96 -5.58
N LYS A 97 -16.87 11.83 -6.80
CA LYS A 97 -18.10 12.55 -7.24
C LYS A 97 -19.32 12.24 -6.38
N GLU A 98 -19.47 11.04 -5.86
CA GLU A 98 -20.57 10.67 -4.98
C GLU A 98 -20.45 11.21 -3.55
N PHE A 99 -19.23 11.35 -3.03
CA PHE A 99 -18.96 11.86 -1.70
C PHE A 99 -17.99 13.05 -1.79
N PRO A 100 -18.42 14.23 -2.29
CA PRO A 100 -17.54 15.35 -2.64
C PRO A 100 -16.90 15.99 -1.39
N TRP A 101 -17.42 15.76 -0.22
CA TRP A 101 -16.93 16.28 1.03
C TRP A 101 -15.62 15.63 1.56
N ILE A 102 -15.28 14.41 1.10
CA ILE A 102 -14.08 13.75 1.64
C ILE A 102 -12.81 14.34 1.02
N SER A 103 -11.70 14.54 1.76
CA SER A 103 -10.48 15.01 1.12
C SER A 103 -9.81 13.96 0.27
N SER A 104 -8.96 14.34 -0.67
CA SER A 104 -8.21 13.36 -1.47
C SER A 104 -7.33 12.42 -0.66
N GLY A 105 -6.47 12.92 0.25
CA GLY A 105 -5.65 12.08 1.10
C GLY A 105 -6.49 11.08 1.87
N ASP A 106 -7.64 11.51 2.47
CA ASP A 106 -8.54 10.56 3.14
C ASP A 106 -9.10 9.50 2.18
N LEU A 107 -9.56 9.84 1.00
CA LEU A 107 -10.04 8.85 0.03
C LEU A 107 -8.96 7.86 -0.48
N PHE A 108 -7.78 8.38 -0.89
CA PHE A 108 -6.70 7.51 -1.36
C PHE A 108 -6.25 6.52 -0.26
N SER A 109 -6.12 7.01 0.97
CA SER A 109 -5.68 6.13 2.03
C SER A 109 -6.79 5.15 2.43
N LEU A 110 -8.04 5.61 2.48
CA LEU A 110 -9.15 4.73 2.81
C LEU A 110 -9.33 3.67 1.71
N GLY A 111 -9.03 3.98 0.45
CA GLY A 111 -9.00 2.98 -0.63
C GLY A 111 -8.14 1.73 -0.28
N GLY A 112 -6.92 1.96 0.25
CA GLY A 112 -6.01 0.93 0.71
C GLY A 112 -6.56 0.11 1.85
N VAL A 113 -7.07 0.75 2.91
CA VAL A 113 -7.71 0.08 4.05
C VAL A 113 -8.88 -0.83 3.63
N THR A 114 -9.77 -0.29 2.77
CA THR A 114 -10.92 -1.07 2.30
C THR A 114 -10.49 -2.33 1.50
N ALA A 115 -9.54 -2.15 0.55
CA ALA A 115 -9.00 -3.27 -0.22
C ALA A 115 -8.43 -4.38 0.68
N VAL A 116 -7.59 -4.03 1.66
CA VAL A 116 -7.02 -5.06 2.52
C VAL A 116 -8.11 -5.82 3.27
N GLN A 117 -9.08 -5.11 3.87
CA GLN A 117 -10.12 -5.80 4.64
C GLN A 117 -11.07 -6.61 3.78
N GLU A 118 -11.39 -6.09 2.61
CA GLU A 118 -12.27 -6.85 1.70
C GLU A 118 -11.55 -8.03 1.04
N MET A 119 -10.20 -8.02 1.01
CA MET A 119 -9.41 -9.17 0.54
C MET A 119 -9.09 -10.17 1.68
N GLN A 120 -9.94 -10.19 2.70
CA GLN A 120 -9.87 -10.98 3.88
C GLN A 120 -8.61 -10.71 4.72
N GLY A 121 -8.04 -9.52 4.60
CA GLY A 121 -6.86 -9.17 5.40
C GLY A 121 -7.23 -8.78 6.83
N PRO A 122 -6.30 -8.32 7.69
CA PRO A 122 -6.66 -7.90 9.05
C PRO A 122 -7.47 -6.59 9.03
N LYS A 123 -8.16 -6.26 10.10
CA LYS A 123 -8.72 -4.93 10.24
C LYS A 123 -7.62 -3.88 10.41
N ILE A 124 -7.60 -2.78 9.67
CA ILE A 124 -6.62 -1.70 9.83
C ILE A 124 -7.34 -0.51 10.52
N PRO A 125 -7.07 -0.02 11.74
CA PRO A 125 -7.65 1.23 12.25
C PRO A 125 -7.33 2.39 11.33
N TRP A 126 -8.32 3.21 11.00
CA TRP A 126 -8.06 4.37 10.13
C TRP A 126 -8.53 5.70 10.77
N ARG A 127 -7.75 6.78 10.63
CA ARG A 127 -8.14 8.09 11.14
C ARG A 127 -8.49 9.04 10.06
N CYS A 128 -9.51 9.87 10.18
CA CYS A 128 -9.80 10.90 9.15
C CYS A 128 -9.13 12.27 9.42
N GLY A 129 -9.11 13.24 8.53
CA GLY A 129 -8.49 14.48 8.94
C GLY A 129 -7.43 15.00 8.00
N ARG A 130 -7.03 14.30 6.93
CA ARG A 130 -6.09 14.87 5.98
C ARG A 130 -6.77 16.04 5.27
N VAL A 131 -6.03 17.09 4.93
CA VAL A 131 -6.56 18.29 4.31
C VAL A 131 -5.85 18.49 2.99
N ASP A 132 -6.57 18.74 1.91
CA ASP A 132 -5.92 18.96 0.63
C ASP A 132 -4.99 20.16 0.59
N THR A 133 -3.76 20.03 0.14
CA THR A 133 -2.91 21.21 0.14
C THR A 133 -2.57 21.66 -1.26
N PRO A 134 -2.17 22.94 -1.49
CA PRO A 134 -1.94 23.48 -2.82
C PRO A 134 -0.92 22.78 -3.73
N GLU A 135 -0.95 22.98 -5.05
CA GLU A 135 -0.04 22.32 -5.97
C GLU A 135 1.47 22.48 -5.71
N ASP A 136 1.86 23.55 -5.01
CA ASP A 136 3.26 23.74 -4.72
C ASP A 136 3.75 23.05 -3.45
N THR A 137 2.90 22.28 -2.77
CA THR A 137 3.40 21.40 -1.72
C THR A 137 3.64 20.00 -2.31
N THR A 138 3.36 19.78 -3.60
CA THR A 138 3.57 18.50 -4.25
C THR A 138 5.05 18.06 -4.17
N PRO A 139 5.46 16.91 -3.58
CA PRO A 139 6.89 16.54 -3.51
C PRO A 139 7.52 16.30 -4.89
N ASP A 140 8.79 16.60 -5.12
CA ASP A 140 9.41 16.24 -6.40
C ASP A 140 9.52 14.74 -6.61
N ASN A 141 9.58 14.28 -7.84
CA ASN A 141 9.76 12.88 -8.13
C ASN A 141 11.11 12.35 -7.62
N GLY A 142 11.23 11.03 -7.41
CA GLY A 142 12.49 10.45 -6.92
C GLY A 142 12.47 10.09 -5.45
N ARG A 143 11.37 10.19 -4.70
CA ARG A 143 11.37 9.75 -3.30
C ARG A 143 10.94 8.30 -3.08
N LEU A 144 10.41 7.63 -4.11
CA LEU A 144 9.97 6.26 -3.96
C LEU A 144 11.06 5.25 -4.33
N PRO A 145 11.09 4.03 -3.78
CA PRO A 145 12.23 3.13 -3.78
C PRO A 145 12.54 2.41 -5.07
N ASP A 146 13.78 2.22 -5.44
CA ASP A 146 14.10 1.34 -6.56
C ASP A 146 14.00 -0.15 -6.23
N ALA A 147 13.72 -0.99 -7.25
CA ALA A 147 13.56 -2.44 -7.10
C ALA A 147 14.78 -3.31 -7.32
N ASP A 148 15.75 -2.68 -7.99
CA ASP A 148 16.98 -3.35 -8.40
C ASP A 148 18.12 -3.29 -7.35
N LYS A 149 17.83 -3.34 -6.07
CA LYS A 149 18.85 -3.06 -5.05
C LYS A 149 18.86 -4.13 -4.00
N ASP A 150 19.67 -3.95 -2.96
CA ASP A 150 19.86 -4.99 -1.97
C ASP A 150 19.25 -4.74 -0.60
N ALA A 151 19.48 -5.58 0.40
CA ALA A 151 18.92 -5.32 1.70
C ALA A 151 19.42 -4.05 2.42
N GLY A 152 20.61 -3.51 2.13
CA GLY A 152 21.11 -2.32 2.81
C GLY A 152 20.40 -1.07 2.29
N TYR A 153 20.13 -1.06 0.99
CA TYR A 153 19.34 0.01 0.40
C TYR A 153 17.94 -0.01 1.03
N VAL A 154 17.29 -1.16 1.12
CA VAL A 154 15.94 -1.24 1.69
C VAL A 154 15.85 -0.65 3.12
N ARG A 155 16.86 -1.04 3.94
CA ARG A 155 16.95 -0.64 5.33
C ARG A 155 17.17 0.88 5.45
N THR A 156 18.08 1.39 4.65
CA THR A 156 18.36 2.81 4.61
C THR A 156 17.17 3.61 4.08
N PHE A 157 16.50 3.13 3.04
CA PHE A 157 15.32 3.77 2.49
C PHE A 157 14.21 3.89 3.53
N PHE A 158 13.86 2.78 4.17
CA PHE A 158 12.74 2.83 5.09
C PHE A 158 12.92 3.62 6.39
N GLN A 159 14.19 3.94 6.67
CA GLN A 159 14.58 4.80 7.77
C GLN A 159 14.11 6.23 7.51
N ARG A 160 14.01 6.70 6.27
CA ARG A 160 13.44 8.02 5.99
C ARG A 160 11.96 8.22 6.43
N LEU A 161 11.27 7.08 6.59
CA LEU A 161 9.84 7.02 6.96
C LEU A 161 9.67 6.45 8.35
N ASN A 162 10.81 6.44 9.03
CA ASN A 162 11.07 5.62 10.18
C ASN A 162 10.28 4.41 10.62
N MET A 163 10.61 3.53 9.66
CA MET A 163 10.22 2.16 9.72
C MET A 163 11.42 1.30 10.17
N ASN A 164 11.36 0.42 11.17
CA ASN A 164 12.48 -0.42 11.55
C ASN A 164 12.36 -1.78 10.80
N ASP A 165 13.16 -2.79 11.16
CA ASP A 165 13.21 -4.05 10.38
C ASP A 165 11.92 -4.81 10.35
N ARG A 166 11.29 -4.98 11.52
CA ARG A 166 10.02 -5.69 11.64
C ARG A 166 8.94 -5.03 10.79
N GLU A 167 8.77 -3.68 10.87
CA GLU A 167 7.82 -2.93 10.05
C GLU A 167 8.05 -3.07 8.55
N VAL A 168 9.31 -3.04 8.11
CA VAL A 168 9.68 -3.23 6.71
C VAL A 168 9.30 -4.63 6.23
N VAL A 169 9.65 -5.68 6.98
CA VAL A 169 9.31 -7.04 6.55
C VAL A 169 7.78 -7.26 6.55
N ALA A 170 7.05 -6.82 7.60
CA ALA A 170 5.59 -6.89 7.61
C ALA A 170 4.97 -6.14 6.42
N LEU A 171 5.31 -4.88 6.19
CA LEU A 171 4.84 -4.14 5.02
C LEU A 171 5.06 -4.81 3.66
N MET A 172 6.22 -5.45 3.49
CA MET A 172 6.56 -6.14 2.25
C MET A 172 5.70 -7.36 1.99
N GLY A 173 5.01 -7.91 2.98
CA GLY A 173 4.13 -9.08 2.78
C GLY A 173 3.00 -8.77 1.84
N ALA A 174 2.73 -7.45 1.62
CA ALA A 174 1.74 -7.02 0.61
C ALA A 174 2.15 -7.39 -0.83
N HIS A 175 3.43 -7.77 -1.07
CA HIS A 175 3.84 -8.16 -2.40
C HIS A 175 3.43 -9.61 -2.77
N ALA A 176 2.68 -10.29 -1.88
CA ALA A 176 1.94 -11.50 -2.28
C ALA A 176 0.77 -11.14 -3.22
N LEU A 177 0.36 -9.86 -3.21
CA LEU A 177 -0.78 -9.37 -3.98
C LEU A 177 -0.47 -8.84 -5.38
N GLY A 178 -1.44 -9.02 -6.27
CA GLY A 178 -1.34 -8.48 -7.61
C GLY A 178 -0.19 -9.06 -8.43
N LYS A 179 0.50 -8.23 -9.18
CA LYS A 179 1.63 -8.66 -9.99
C LYS A 179 2.48 -7.52 -10.48
N THR A 180 3.71 -7.78 -10.93
CA THR A 180 4.47 -6.79 -11.67
C THR A 180 4.07 -6.87 -13.12
N HIS A 181 4.12 -5.73 -13.78
CA HIS A 181 3.70 -5.60 -15.15
C HIS A 181 4.83 -5.00 -15.98
N LEU A 182 5.24 -5.65 -17.07
CA LEU A 182 6.40 -5.17 -17.84
C LEU A 182 6.34 -3.72 -18.29
N LYS A 183 5.19 -3.24 -18.81
CA LYS A 183 5.05 -1.87 -19.27
C LYS A 183 5.00 -0.84 -18.12
N ASN A 184 4.61 -1.23 -16.90
CA ASN A 184 4.62 -0.26 -15.80
C ASN A 184 6.02 -0.16 -15.23
N SER A 185 6.61 -1.28 -14.82
CA SER A 185 7.88 -1.22 -14.12
C SER A 185 9.13 -1.86 -14.71
N GLY A 186 9.06 -2.54 -15.85
CA GLY A 186 10.18 -3.30 -16.37
C GLY A 186 10.36 -4.64 -15.65
N TYR A 187 9.36 -5.11 -14.90
CA TYR A 187 9.39 -6.45 -14.27
C TYR A 187 8.12 -7.24 -14.61
N GLU A 188 8.07 -8.57 -14.58
CA GLU A 188 6.85 -9.27 -14.96
C GLU A 188 6.56 -10.49 -14.16
N GLY A 189 5.32 -10.66 -13.71
CA GLY A 189 4.94 -11.85 -13.02
C GLY A 189 4.31 -11.61 -11.68
N PRO A 190 3.61 -12.61 -11.19
CA PRO A 190 3.02 -12.62 -9.86
C PRO A 190 3.98 -13.15 -8.78
N GLY A 191 3.66 -12.97 -7.48
CA GLY A 191 4.48 -13.48 -6.38
C GLY A 191 4.01 -14.82 -5.81
N GLY A 192 2.87 -15.31 -6.23
CA GLY A 192 2.30 -16.53 -5.69
C GLY A 192 0.97 -16.87 -6.39
N ALA A 193 0.23 -17.84 -5.86
CA ALA A 193 -1.00 -18.27 -6.48
C ALA A 193 -2.20 -17.46 -6.01
N ALA A 194 -2.32 -17.18 -4.72
CA ALA A 194 -3.47 -16.45 -4.20
C ALA A 194 -3.22 -14.95 -4.21
N ASN A 195 -3.18 -14.34 -5.41
CA ASN A 195 -2.88 -12.93 -5.47
C ASN A 195 -3.95 -11.85 -5.31
N ASN A 196 -5.17 -12.23 -4.89
CA ASN A 196 -6.15 -11.23 -4.52
C ASN A 196 -6.90 -11.61 -3.25
N VAL A 197 -6.18 -12.36 -2.41
CA VAL A 197 -6.60 -12.75 -1.07
C VAL A 197 -5.38 -12.41 -0.19
N PHE A 198 -5.53 -11.83 0.97
CA PHE A 198 -4.40 -11.39 1.76
C PHE A 198 -3.98 -12.55 2.64
N THR A 199 -2.80 -13.15 2.42
CA THR A 199 -2.32 -14.24 3.28
C THR A 199 -0.84 -14.05 3.55
N ASN A 200 -0.16 -14.94 4.29
CA ASN A 200 1.31 -14.88 4.45
C ASN A 200 2.11 -15.58 3.35
N GLU A 201 1.48 -15.67 2.18
CA GLU A 201 2.03 -16.43 1.07
C GLU A 201 3.37 -15.93 0.59
N PHE A 202 3.62 -14.60 0.58
CA PHE A 202 4.92 -14.02 0.15
C PHE A 202 6.14 -14.64 0.87
N TYR A 203 5.97 -14.86 2.16
CA TYR A 203 7.03 -15.41 3.02
C TYR A 203 7.26 -16.88 2.76
N LEU A 204 6.21 -17.71 2.73
CA LEU A 204 6.31 -19.12 2.40
C LEU A 204 6.94 -19.30 1.02
N ASN A 205 6.57 -18.57 -0.02
CA ASN A 205 7.21 -18.69 -1.33
C ASN A 205 8.70 -18.32 -1.35
N LEU A 206 9.02 -17.27 -0.62
CA LEU A 206 10.41 -16.85 -0.53
C LEU A 206 11.20 -17.96 0.19
N LEU A 207 10.68 -18.63 1.22
CA LEU A 207 11.40 -19.73 1.84
C LEU A 207 11.32 -21.06 1.10
N ASN A 208 10.24 -21.34 0.35
CA ASN A 208 10.08 -22.66 -0.22
C ASN A 208 10.23 -22.83 -1.68
N GLU A 209 10.29 -21.79 -2.47
CA GLU A 209 10.55 -21.98 -3.89
C GLU A 209 12.03 -22.05 -4.24
N ASP A 210 12.28 -22.69 -5.36
CA ASP A 210 13.60 -22.82 -5.95
C ASP A 210 13.75 -21.64 -6.91
N TRP A 211 14.23 -20.52 -6.41
CA TRP A 211 14.38 -19.29 -7.18
C TRP A 211 15.60 -19.28 -8.09
N LYS A 212 15.46 -18.80 -9.29
CA LYS A 212 16.59 -18.69 -10.19
C LYS A 212 16.73 -17.26 -10.72
N LEU A 213 17.91 -16.68 -10.68
CA LEU A 213 18.10 -15.34 -11.20
C LEU A 213 18.15 -15.37 -12.72
N GLU A 214 17.29 -14.57 -13.34
CA GLU A 214 17.24 -14.48 -14.79
C GLU A 214 17.02 -13.07 -15.26
N LYS A 215 17.39 -12.68 -16.46
CA LYS A 215 17.00 -11.37 -16.96
C LYS A 215 15.62 -11.52 -17.64
N ASN A 216 14.78 -10.49 -17.57
CA ASN A 216 13.48 -10.51 -18.24
C ASN A 216 13.49 -9.76 -19.59
N ASP A 217 12.38 -9.63 -20.35
CA ASP A 217 12.42 -8.89 -21.61
C ASP A 217 12.74 -7.41 -21.54
N ALA A 218 12.64 -6.77 -20.38
CA ALA A 218 13.07 -5.39 -20.22
C ALA A 218 14.58 -5.27 -19.95
N ASN A 219 15.36 -6.36 -19.84
CA ASN A 219 16.78 -6.37 -19.43
C ASN A 219 17.04 -6.11 -17.95
N ASN A 220 16.02 -6.34 -17.14
CA ASN A 220 16.18 -6.22 -15.70
C ASN A 220 16.27 -7.60 -15.11
N GLU A 221 17.03 -7.72 -14.05
CA GLU A 221 17.05 -9.01 -13.40
C GLU A 221 15.91 -9.19 -12.44
N GLN A 222 15.40 -10.40 -12.38
CA GLN A 222 14.49 -10.82 -11.31
C GLN A 222 14.73 -12.30 -11.04
N TRP A 223 14.27 -12.71 -9.88
CA TRP A 223 14.34 -14.07 -9.44
C TRP A 223 13.04 -14.78 -9.84
N ASP A 224 13.12 -15.84 -10.67
CA ASP A 224 11.99 -16.63 -11.14
C ASP A 224 11.91 -18.04 -10.59
N SER A 225 10.75 -18.60 -10.30
CA SER A 225 10.72 -19.95 -9.83
C SER A 225 10.07 -20.93 -10.81
N LYS A 226 10.30 -22.25 -10.67
CA LYS A 226 9.64 -23.28 -11.50
C LYS A 226 8.12 -23.10 -11.60
N SER A 227 7.51 -22.74 -10.48
CA SER A 227 6.09 -22.49 -10.34
C SER A 227 5.51 -21.37 -11.13
N GLY A 228 6.30 -20.53 -11.75
CA GLY A 228 5.71 -19.42 -12.48
C GLY A 228 5.67 -18.11 -11.68
N TYR A 229 6.26 -18.08 -10.49
CA TYR A 229 6.32 -16.88 -9.67
C TYR A 229 7.61 -16.07 -9.85
N MET A 230 7.60 -14.81 -9.43
CA MET A 230 8.76 -13.96 -9.46
C MET A 230 8.93 -13.20 -8.13
N MET A 231 10.19 -12.84 -7.88
CA MET A 231 10.59 -11.96 -6.81
C MET A 231 11.50 -10.86 -7.32
N LEU A 232 11.27 -9.61 -6.89
CA LEU A 232 12.17 -8.49 -7.21
C LEU A 232 13.52 -8.69 -6.49
N PRO A 233 14.67 -8.16 -6.91
CA PRO A 233 15.89 -8.09 -6.10
C PRO A 233 15.66 -7.58 -4.66
N THR A 234 14.93 -6.46 -4.50
CA THR A 234 14.62 -5.96 -3.15
C THR A 234 13.76 -6.94 -2.35
N ASP A 235 12.88 -7.72 -3.00
CA ASP A 235 12.16 -8.77 -2.28
C ASP A 235 13.05 -9.93 -1.79
N TYR A 236 13.84 -10.42 -2.74
CA TYR A 236 14.75 -11.53 -2.48
C TYR A 236 15.78 -11.15 -1.36
N SER A 237 16.14 -9.87 -1.31
CA SER A 237 16.95 -9.27 -0.23
C SER A 237 16.57 -9.70 1.16
N LEU A 238 15.27 -9.91 1.38
CA LEU A 238 14.82 -10.23 2.71
C LEU A 238 15.28 -11.59 3.19
N ILE A 239 15.73 -12.49 2.30
CA ILE A 239 16.32 -13.75 2.82
C ILE A 239 17.86 -13.73 2.74
N GLN A 240 18.47 -12.66 2.17
CA GLN A 240 19.92 -12.49 2.15
C GLN A 240 20.40 -11.73 3.39
N ASP A 241 19.55 -10.98 4.09
CA ASP A 241 20.00 -10.26 5.27
C ASP A 241 19.61 -11.08 6.47
N PRO A 242 20.51 -11.38 7.45
CA PRO A 242 20.20 -12.25 8.59
C PRO A 242 19.12 -11.75 9.53
N LYS A 243 19.04 -10.43 9.77
CA LYS A 243 17.96 -9.88 10.61
C LYS A 243 16.60 -10.01 9.88
N TYR A 244 16.51 -9.62 8.58
CA TYR A 244 15.28 -9.77 7.82
C TYR A 244 14.87 -11.25 7.71
N LEU A 245 15.82 -12.18 7.56
CA LEU A 245 15.48 -13.61 7.43
C LEU A 245 14.81 -14.19 8.65
N SER A 246 15.19 -13.83 9.88
CA SER A 246 14.48 -14.36 11.04
C SER A 246 13.03 -13.93 11.11
N ILE A 247 12.74 -12.72 10.64
CA ILE A 247 11.37 -12.21 10.64
C ILE A 247 10.56 -12.88 9.53
N VAL A 248 11.11 -13.01 8.31
CA VAL A 248 10.46 -13.74 7.22
C VAL A 248 10.00 -15.12 7.72
N LYS A 249 10.89 -15.82 8.48
CA LYS A 249 10.60 -17.15 9.03
C LYS A 249 9.48 -17.19 10.05
N GLU A 250 9.40 -16.08 10.81
CA GLU A 250 8.37 -15.88 11.81
C GLU A 250 6.97 -15.75 11.21
N TYR A 251 6.91 -14.94 10.15
CA TYR A 251 5.65 -14.70 9.46
C TYR A 251 5.19 -15.87 8.60
N ALA A 252 6.17 -16.60 8.03
CA ALA A 252 5.87 -17.84 7.31
C ALA A 252 5.32 -18.87 8.28
N ASN A 253 5.78 -18.93 9.53
CA ASN A 253 5.18 -19.84 10.50
C ASN A 253 3.94 -19.36 11.25
N ASP A 254 3.62 -18.07 11.13
CA ASP A 254 2.51 -17.53 11.90
C ASP A 254 1.84 -16.33 11.22
N GLN A 255 0.79 -16.66 10.44
CA GLN A 255 0.03 -15.67 9.74
C GLN A 255 -0.67 -14.68 10.68
N ASP A 256 -1.16 -15.08 11.84
CA ASP A 256 -1.76 -14.14 12.77
C ASP A 256 -0.81 -13.07 13.28
N LYS A 257 0.44 -13.45 13.61
CA LYS A 257 1.48 -12.47 13.96
C LYS A 257 1.75 -11.54 12.79
N PHE A 258 1.81 -12.09 11.56
CA PHE A 258 1.94 -11.25 10.36
C PHE A 258 0.79 -10.25 10.22
N PHE A 259 -0.48 -10.71 10.34
CA PHE A 259 -1.62 -9.78 10.26
C PHE A 259 -1.61 -8.61 11.29
N LYS A 260 -1.21 -8.92 12.51
CA LYS A 260 -1.12 -7.98 13.59
C LYS A 260 -0.04 -6.91 13.35
N ASP A 261 1.12 -7.38 12.92
CA ASP A 261 2.19 -6.45 12.64
C ASP A 261 1.97 -5.67 11.36
N PHE A 262 1.38 -6.30 10.31
CA PHE A 262 1.05 -5.57 9.09
C PHE A 262 0.04 -4.46 9.44
N SER A 263 -0.95 -4.78 10.24
CA SER A 263 -1.96 -3.80 10.63
C SER A 263 -1.35 -2.53 11.28
N LYS A 264 -0.51 -2.73 12.32
CA LYS A 264 0.19 -1.64 12.98
C LYS A 264 1.09 -0.88 12.03
N ALA A 265 1.90 -1.56 11.18
CA ALA A 265 2.81 -0.83 10.30
C ALA A 265 2.16 -0.05 9.16
N PHE A 266 1.06 -0.61 8.63
CA PHE A 266 0.34 0.03 7.52
C PHE A 266 -0.43 1.30 8.02
N GLU A 267 -1.08 1.25 9.18
CA GLU A 267 -1.62 2.45 9.81
C GLU A 267 -0.54 3.49 10.08
N LYS A 268 0.59 3.12 10.68
CA LYS A 268 1.71 4.03 10.85
C LYS A 268 2.13 4.72 9.56
N LEU A 269 2.29 3.93 8.50
CA LEU A 269 2.66 4.44 7.18
C LEU A 269 1.66 5.49 6.65
N LEU A 270 0.34 5.17 6.79
CA LEU A 270 -0.72 6.08 6.35
C LEU A 270 -0.87 7.34 7.21
N GLU A 271 -0.38 7.33 8.45
CA GLU A 271 -0.43 8.50 9.35
C GLU A 271 0.87 9.27 9.54
N ASN A 272 2.01 8.82 9.00
CA ASN A 272 3.24 9.61 9.08
C ASN A 272 3.14 11.05 8.57
N GLY A 273 3.66 11.99 9.36
CA GLY A 273 3.62 13.40 8.99
C GLY A 273 2.38 14.18 9.45
N ILE A 274 1.48 13.51 10.14
CA ILE A 274 0.23 14.13 10.57
C ILE A 274 0.10 14.18 12.08
N THR A 275 -0.21 15.39 12.58
CA THR A 275 -0.44 15.55 14.02
C THR A 275 -1.91 15.38 14.39
N PHE A 276 -2.33 14.50 15.28
CA PHE A 276 -3.73 14.40 15.64
C PHE A 276 -4.00 15.14 16.94
N PRO A 277 -4.86 16.17 17.02
CA PRO A 277 -5.14 16.90 18.28
C PRO A 277 -5.81 15.96 19.27
N LYS A 278 -5.78 15.96 20.62
CA LYS A 278 -6.57 14.90 21.27
C LYS A 278 -8.06 15.15 21.38
N ASP A 279 -8.52 16.24 20.78
CA ASP A 279 -9.96 16.32 20.63
C ASP A 279 -10.36 15.43 19.45
N ALA A 280 -9.45 15.12 18.52
CA ALA A 280 -9.75 14.27 17.37
C ALA A 280 -10.48 12.97 17.67
N PRO A 281 -11.40 12.47 16.80
CA PRO A 281 -12.01 11.16 16.99
C PRO A 281 -10.95 10.05 17.12
N SER A 282 -11.15 9.03 17.96
CA SER A 282 -10.30 7.84 17.99
C SER A 282 -10.23 7.17 16.59
N PRO A 283 -9.26 6.32 16.21
CA PRO A 283 -9.34 5.67 14.88
C PRO A 283 -10.58 4.81 14.67
N PHE A 284 -11.19 4.89 13.50
CA PHE A 284 -12.34 4.07 13.20
C PHE A 284 -11.99 2.65 12.73
N ILE A 285 -12.73 1.64 13.15
CA ILE A 285 -12.54 0.30 12.60
C ILE A 285 -13.73 0.03 11.67
N PHE A 286 -13.61 -0.02 10.35
CA PHE A 286 -14.83 -0.18 9.57
C PHE A 286 -15.27 -1.63 9.42
N LYS A 287 -16.59 -1.82 9.43
CA LYS A 287 -17.13 -3.14 9.12
C LYS A 287 -17.01 -3.53 7.66
N THR A 288 -16.71 -4.79 7.39
CA THR A 288 -16.70 -5.27 6.00
C THR A 288 -18.11 -5.38 5.40
N LEU A 289 -18.32 -5.47 4.07
CA LEU A 289 -19.67 -5.77 3.51
C LEU A 289 -20.37 -6.97 4.13
N GLU A 290 -19.53 -7.99 4.32
CA GLU A 290 -19.95 -9.27 4.90
C GLU A 290 -20.44 -9.10 6.31
N GLU A 291 -19.74 -8.28 7.11
CA GLU A 291 -20.21 -8.01 8.47
C GLU A 291 -21.55 -7.30 8.52
N GLN A 292 -21.83 -6.57 7.44
CA GLN A 292 -23.04 -5.78 7.39
C GLN A 292 -24.19 -6.49 6.65
N GLY A 293 -23.93 -7.67 6.09
CA GLY A 293 -24.93 -8.37 5.27
C GLY A 293 -25.19 -7.68 3.94
N LEU A 294 -24.19 -7.01 3.39
CA LEU A 294 -24.32 -6.30 2.14
C LEU A 294 -23.60 -6.93 0.96
N1 DMI B . 6.97 -8.16 -6.05
C2 DMI B . 6.15 -9.15 -6.17
CM2 DMI B . 6.42 -10.52 -5.79
N3 DMI B . 5.05 -8.62 -6.59
CM3 DMI B . 3.81 -9.36 -6.91
C4 DMI B . 5.13 -7.33 -6.72
C5 DMI B . 6.41 -7.02 -6.37
HN1 DMI B . 7.91 -8.30 -6.02
CHA HEM C . 3.86 -3.73 -6.96
CHB HEM C . 8.27 -2.11 -5.98
CHC HEM C . 7.06 -1.83 -1.34
CHD HEM C . 2.54 -2.90 -2.47
C1A HEM C . 5.21 -3.33 -7.13
C2A HEM C . 5.83 -3.21 -8.35
C3A HEM C . 7.14 -2.81 -8.08
C4A HEM C . 7.18 -2.61 -6.72
CMA HEM C . 8.26 -2.67 -9.10
CAA HEM C . 5.19 -3.50 -9.70
CBA HEM C . 4.48 -2.34 -10.34
CGA HEM C . 3.85 -2.70 -11.68
O1A HEM C . 4.51 -3.12 -12.63
O2A HEM C . 2.64 -2.58 -11.83
C1B HEM C . 8.39 -1.95 -4.59
C2B HEM C . 9.58 -1.61 -3.91
C3B HEM C . 9.24 -1.61 -2.55
C4B HEM C . 7.86 -1.88 -2.50
CMB HEM C . 10.92 -1.45 -4.60
CAB HEM C . 10.00 -1.42 -1.41
CBB HEM C . 11.43 -1.34 -1.30
C1C HEM C . 5.67 -2.05 -1.20
C2C HEM C . 4.97 -1.90 -0.01
C3C HEM C . 3.63 -2.11 -0.36
C4C HEM C . 3.66 -2.47 -1.71
CMC HEM C . 5.55 -1.40 1.32
CAC HEM C . 2.45 -2.08 0.38
CBC HEM C . 2.31 -2.08 1.82
C1D HEM C . 2.47 -3.30 -3.79
C2D HEM C . 1.39 -3.95 -4.36
C3D HEM C . 1.75 -4.18 -5.68
C4D HEM C . 3.05 -3.71 -5.81
CMD HEM C . 0.17 -4.47 -3.62
CAD HEM C . 0.90 -4.88 -6.76
CBD HEM C . 0.06 -3.88 -7.55
CGD HEM C . -0.65 -4.41 -8.79
O1D HEM C . -0.90 -3.62 -9.71
O2D HEM C . -0.95 -5.59 -8.87
NA HEM C . 6.02 -2.99 -6.14
NB HEM C . 7.38 -2.15 -3.71
NC HEM C . 4.87 -2.40 -2.21
ND HEM C . 3.46 -3.18 -4.65
FE HEM C . 5.40 -2.65 -4.18
#